data_6PQK
#
_entry.id   6PQK
#
_cell.length_a   36.704
_cell.length_b   68.404
_cell.length_c   166.723
_cell.angle_alpha   90.000
_cell.angle_beta   90.000
_cell.angle_gamma   90.000
#
_symmetry.space_group_name_H-M   'P 21 21 21'
#
loop_
_entity.id
_entity.type
_entity.pdbx_description
1 polymer Ribonuclease
2 polymer Barstar
3 non-polymer 'PHOSPHATE ION'
4 non-polymer 1,2-ETHANEDIOL
5 water water
#
loop_
_entity_poly.entity_id
_entity_poly.type
_entity_poly.pdbx_seq_one_letter_code
_entity_poly.pdbx_strand_id
1 'polypeptide(L)'
;MGSSHHHHHHSQDPIEGRAQVINTFDGVADYLQTYHKLPDNYITKSEAQALGWVASKGNLCDVAPGKSIGGDIFSNREGK
LPGKSGRTWREADINYTCGFRNSDRILYSSDWLIYKTTDHYQTFTKIR
;
A,C
2 'polypeptide(L)'
;MKKAVINGEQIRSISDLHQTLKKELALPEYYGENLDALWDALTGWVEYPLVLEWRQFEQCKQLTENGCESVLQVFREAKA
EGADITIILS
;
B,D
#
loop_
_chem_comp.id
_chem_comp.type
_chem_comp.name
_chem_comp.formula
EDO non-polymer 1,2-ETHANEDIOL 'C2 H6 O2'
PO4 non-polymer 'PHOSPHATE ION' 'O4 P -3'
#
# COMPACT_ATOMS: atom_id res chain seq x y z
N VAL A 21 2.36 -28.45 8.86
CA VAL A 21 2.51 -27.72 7.61
C VAL A 21 3.32 -26.44 7.80
N ILE A 22 3.88 -25.98 6.69
CA ILE A 22 4.57 -24.70 6.63
C ILE A 22 3.71 -23.80 5.75
N ASN A 23 3.03 -22.83 6.38
CA ASN A 23 2.02 -22.06 5.65
C ASN A 23 1.94 -20.60 6.10
N THR A 24 2.90 -20.10 6.87
CA THR A 24 2.92 -18.71 7.30
C THR A 24 3.85 -17.91 6.40
N PHE A 25 3.73 -16.58 6.47
CA PHE A 25 4.61 -15.73 5.65
C PHE A 25 6.07 -16.03 5.91
N ASP A 26 6.50 -15.97 7.17
CA ASP A 26 7.91 -16.21 7.48
C ASP A 26 8.27 -17.68 7.34
N GLY A 27 7.32 -18.58 7.61
CA GLY A 27 7.61 -19.99 7.45
C GLY A 27 7.92 -20.35 6.01
N VAL A 28 7.06 -19.90 5.09
CA VAL A 28 7.27 -20.20 3.67
C VAL A 28 8.44 -19.39 3.11
N ALA A 29 8.60 -18.13 3.53
CA ALA A 29 9.73 -17.34 3.06
C ALA A 29 11.06 -17.97 3.47
N ASP A 30 11.19 -18.35 4.74
CA ASP A 30 12.41 -18.98 5.20
C ASP A 30 12.66 -20.29 4.46
N TYR A 31 11.60 -21.07 4.25
CA TYR A 31 11.78 -22.35 3.56
C TYR A 31 12.19 -22.14 2.11
N LEU A 32 11.55 -21.19 1.42
CA LEU A 32 11.92 -20.88 0.04
C LEU A 32 13.38 -20.46 -0.06
N GLN A 33 13.82 -19.57 0.84
CA GLN A 33 15.20 -19.08 0.74
C GLN A 33 16.20 -20.19 1.03
N THR A 34 15.82 -21.16 1.86
CA THR A 34 16.75 -22.21 2.28
C THR A 34 16.78 -23.36 1.28
N TYR A 35 15.63 -23.74 0.74
CA TYR A 35 15.53 -24.92 -0.11
C TYR A 35 15.22 -24.61 -1.57
N HIS A 36 14.86 -23.37 -1.90
CA HIS A 36 14.59 -22.99 -3.30
C HIS A 36 13.43 -23.79 -3.90
N LYS A 37 12.44 -24.10 -3.07
CA LYS A 37 11.20 -24.74 -3.50
C LYS A 37 10.19 -24.50 -2.40
N LEU A 38 8.90 -24.63 -2.75
CA LEU A 38 7.86 -24.53 -1.73
C LEU A 38 7.86 -25.77 -0.84
N PRO A 39 7.35 -25.62 0.40
CA PRO A 39 7.10 -26.79 1.25
C PRO A 39 6.18 -27.80 0.57
N ASP A 40 6.22 -29.03 1.09
CA ASP A 40 5.51 -30.15 0.50
C ASP A 40 3.99 -30.03 0.56
N ASN A 41 3.47 -29.12 1.38
N ASN A 41 3.45 -29.11 1.35
CA ASN A 41 2.04 -28.94 1.54
CA ASN A 41 2.00 -29.02 1.48
C ASN A 41 1.45 -27.96 0.52
C ASN A 41 1.34 -28.23 0.36
N TYR A 42 2.09 -27.79 -0.64
CA TYR A 42 1.55 -26.97 -1.71
C TYR A 42 1.31 -27.77 -2.97
N ILE A 43 0.22 -27.43 -3.66
CA ILE A 43 -0.11 -28.02 -4.96
CA ILE A 43 -0.19 -28.05 -4.92
C ILE A 43 -0.70 -26.93 -5.84
N THR A 44 -0.45 -27.05 -7.15
CA THR A 44 -0.93 -26.00 -8.05
C THR A 44 -2.43 -26.15 -8.31
N LYS A 45 -3.01 -25.11 -8.89
CA LYS A 45 -4.43 -25.16 -9.24
C LYS A 45 -4.73 -26.34 -10.15
N SER A 46 -3.91 -26.55 -11.19
CA SER A 46 -4.18 -27.63 -12.14
CA SER A 46 -4.19 -27.63 -12.14
CA SER A 46 -4.18 -27.63 -12.14
C SER A 46 -4.01 -29.00 -11.49
N GLU A 47 -3.00 -29.14 -10.62
CA GLU A 47 -2.82 -30.41 -9.92
C GLU A 47 -4.00 -30.68 -9.00
N ALA A 48 -4.47 -29.64 -8.31
CA ALA A 48 -5.65 -29.78 -7.44
C ALA A 48 -6.88 -30.16 -8.24
N GLN A 49 -7.09 -29.50 -9.39
CA GLN A 49 -8.25 -29.82 -10.22
CA GLN A 49 -8.25 -29.82 -10.22
C GLN A 49 -8.22 -31.27 -10.68
N ALA A 50 -7.04 -31.79 -11.01
CA ALA A 50 -6.91 -33.19 -11.44
C ALA A 50 -7.30 -34.16 -10.34
N LEU A 51 -7.22 -33.74 -9.08
CA LEU A 51 -7.62 -34.56 -7.94
C LEU A 51 -9.09 -34.41 -7.59
N GLY A 52 -9.80 -33.49 -8.23
CA GLY A 52 -11.19 -33.24 -7.96
C GLY A 52 -11.49 -31.95 -7.23
N TRP A 53 -10.52 -31.04 -7.12
CA TRP A 53 -10.78 -29.75 -6.50
C TRP A 53 -11.83 -28.98 -7.28
N VAL A 54 -12.82 -28.45 -6.57
CA VAL A 54 -13.84 -27.55 -7.12
C VAL A 54 -13.84 -26.32 -6.23
N ALA A 55 -13.28 -25.21 -6.71
CA ALA A 55 -13.06 -24.07 -5.83
C ALA A 55 -14.35 -23.57 -5.20
N SER A 56 -15.45 -23.54 -5.96
CA SER A 56 -16.68 -23.00 -5.40
C SER A 56 -17.30 -23.88 -4.32
N LYS A 57 -16.81 -25.11 -4.16
CA LYS A 57 -17.24 -25.97 -3.07
C LYS A 57 -16.27 -25.95 -1.90
N GLY A 58 -15.17 -25.19 -1.99
CA GLY A 58 -14.22 -25.10 -0.90
C GLY A 58 -13.65 -26.44 -0.45
N ASN A 59 -13.41 -27.36 -1.40
CA ASN A 59 -13.18 -28.77 -1.07
C ASN A 59 -11.72 -29.22 -1.21
N LEU A 60 -10.75 -28.30 -1.20
CA LEU A 60 -9.36 -28.72 -1.42
C LEU A 60 -8.93 -29.79 -0.43
N CYS A 61 -9.26 -29.61 0.86
CA CYS A 61 -8.83 -30.59 1.83
CA CYS A 61 -8.90 -30.56 1.91
C CYS A 61 -9.56 -31.92 1.72
N ASP A 62 -10.68 -31.99 0.98
CA ASP A 62 -11.33 -33.28 0.77
C ASP A 62 -10.53 -34.12 -0.21
N VAL A 63 -9.95 -33.48 -1.22
CA VAL A 63 -9.21 -34.18 -2.26
C VAL A 63 -7.70 -34.18 -2.02
N ALA A 64 -7.21 -33.25 -1.21
CA ALA A 64 -5.78 -33.16 -0.90
C ALA A 64 -5.63 -32.66 0.54
N PRO A 65 -5.82 -33.57 1.52
CA PRO A 65 -5.82 -33.14 2.92
C PRO A 65 -4.51 -32.47 3.33
N GLY A 66 -4.64 -31.35 4.07
CA GLY A 66 -3.51 -30.59 4.55
C GLY A 66 -2.81 -29.72 3.53
N LYS A 67 -3.31 -29.66 2.30
CA LYS A 67 -2.66 -28.92 1.23
C LYS A 67 -3.22 -27.51 1.10
N SER A 68 -2.41 -26.65 0.47
CA SER A 68 -2.81 -25.31 0.07
C SER A 68 -2.45 -25.12 -1.40
N ILE A 69 -3.20 -24.24 -2.08
CA ILE A 69 -2.85 -23.88 -3.45
C ILE A 69 -1.56 -23.08 -3.44
N GLY A 70 -0.62 -23.47 -4.28
CA GLY A 70 0.59 -22.67 -4.43
C GLY A 70 1.50 -23.22 -5.51
N GLY A 71 2.35 -22.33 -6.00
CA GLY A 71 3.35 -22.67 -7.00
C GLY A 71 3.04 -22.22 -8.41
N ASP A 72 1.86 -21.64 -8.63
CA ASP A 72 1.50 -21.20 -9.97
C ASP A 72 2.27 -19.96 -10.38
N ILE A 73 2.46 -19.81 -11.69
CA ILE A 73 3.02 -18.59 -12.25
C ILE A 73 2.18 -17.42 -11.80
N PHE A 74 2.83 -16.34 -11.37
CA PHE A 74 2.16 -15.10 -11.04
C PHE A 74 2.53 -14.08 -12.11
N SER A 75 1.54 -13.63 -12.85
CA SER A 75 1.77 -12.78 -14.01
C SER A 75 1.92 -11.30 -13.69
N ASN A 76 1.75 -10.89 -12.43
CA ASN A 76 2.10 -9.52 -12.03
C ASN A 76 1.38 -8.52 -12.93
N ARG A 77 0.06 -8.69 -13.04
CA ARG A 77 -0.70 -8.02 -14.09
CA ARG A 77 -0.70 -8.02 -14.10
C ARG A 77 -0.80 -6.52 -13.88
N GLU A 78 -0.71 -6.06 -12.63
CA GLU A 78 -0.72 -4.64 -12.33
C GLU A 78 0.67 -4.04 -12.30
N GLY A 79 1.71 -4.84 -12.52
CA GLY A 79 3.06 -4.35 -12.53
C GLY A 79 3.55 -3.82 -11.20
N LYS A 80 2.95 -4.24 -10.09
CA LYS A 80 3.36 -3.72 -8.79
C LYS A 80 4.66 -4.32 -8.30
N LEU A 81 4.94 -5.59 -8.61
CA LEU A 81 6.21 -6.18 -8.23
C LEU A 81 7.28 -5.80 -9.25
N PRO A 82 8.54 -5.66 -8.82
CA PRO A 82 9.61 -5.32 -9.77
C PRO A 82 9.79 -6.43 -10.80
N GLY A 83 9.79 -6.03 -12.06
CA GLY A 83 9.80 -6.99 -13.16
C GLY A 83 10.96 -6.78 -14.12
N LYS A 84 11.36 -7.88 -14.75
CA LYS A 84 12.29 -7.81 -15.87
CA LYS A 84 12.35 -7.84 -15.83
C LYS A 84 12.21 -9.12 -16.64
N SER A 85 12.67 -9.08 -17.89
CA SER A 85 12.37 -10.19 -18.80
C SER A 85 12.99 -11.53 -18.38
N GLY A 86 14.05 -11.51 -17.58
CA GLY A 86 14.61 -12.76 -17.13
C GLY A 86 14.07 -13.26 -15.81
N ARG A 87 13.04 -12.62 -15.25
CA ARG A 87 12.53 -12.94 -13.92
C ARG A 87 11.12 -13.48 -14.01
N THR A 88 10.89 -14.65 -13.43
CA THR A 88 9.55 -15.23 -13.30
C THR A 88 9.09 -15.06 -11.86
N TRP A 89 7.83 -14.68 -11.68
CA TRP A 89 7.19 -14.64 -10.37
C TRP A 89 6.24 -15.82 -10.23
N ARG A 90 6.12 -16.32 -9.00
CA ARG A 90 5.13 -17.33 -8.64
CA ARG A 90 5.13 -17.33 -8.64
C ARG A 90 4.44 -16.90 -7.36
N GLU A 91 3.30 -17.55 -7.06
CA GLU A 91 2.53 -17.20 -5.88
C GLU A 91 2.14 -18.46 -5.12
N ALA A 92 1.83 -18.29 -3.84
CA ALA A 92 1.29 -19.39 -3.03
C ALA A 92 0.37 -18.83 -1.95
N ASP A 93 -0.64 -19.61 -1.57
CA ASP A 93 -1.56 -19.18 -0.53
C ASP A 93 -0.91 -19.27 0.86
N ILE A 94 -1.21 -18.29 1.70
CA ILE A 94 -0.68 -18.23 3.06
C ILE A 94 -1.85 -18.27 4.04
N ASN A 95 -1.64 -18.93 5.18
CA ASN A 95 -2.61 -19.00 6.27
C ASN A 95 -3.85 -19.81 5.91
N TYR A 96 -3.78 -20.66 4.89
CA TYR A 96 -4.92 -21.47 4.49
C TYR A 96 -4.96 -22.75 5.32
N THR A 97 -6.14 -23.03 5.88
N THR A 97 -6.13 -23.06 5.87
CA THR A 97 -6.42 -24.25 6.64
CA THR A 97 -6.32 -24.32 6.58
C THR A 97 -7.80 -24.76 6.24
C THR A 97 -7.26 -25.23 5.79
N CYS A 98 -7.96 -25.05 4.93
N CYS A 98 -8.55 -24.94 5.77
CA CYS A 98 -9.16 -25.65 4.36
CA CYS A 98 -9.51 -25.63 4.91
C CYS A 98 -10.31 -24.66 4.19
C CYS A 98 -10.58 -24.64 4.49
N GLY A 99 -11.35 -25.07 3.47
N GLY A 99 -11.47 -25.09 3.60
CA GLY A 99 -12.48 -24.19 3.22
CA GLY A 99 -12.59 -24.26 3.17
C GLY A 99 -12.22 -23.32 2.01
C GLY A 99 -12.25 -23.33 2.03
N PHE A 100 -12.95 -22.20 1.96
CA PHE A 100 -12.74 -21.24 0.89
C PHE A 100 -11.40 -20.54 1.06
N ARG A 101 -10.80 -20.12 -0.06
CA ARG A 101 -9.50 -19.46 0.00
C ARG A 101 -9.63 -18.05 0.59
N ASN A 102 -8.53 -17.57 1.16
CA ASN A 102 -8.47 -16.29 1.85
C ASN A 102 -7.78 -15.24 0.98
N SER A 103 -7.41 -14.11 1.58
CA SER A 103 -6.83 -12.97 0.87
C SER A 103 -5.29 -12.90 0.93
N ASP A 104 -4.63 -13.91 1.48
CA ASP A 104 -3.21 -13.84 1.83
C ASP A 104 -2.38 -14.66 0.85
N ARG A 105 -1.32 -14.04 0.31
CA ARG A 105 -0.47 -14.72 -0.66
C ARG A 105 0.97 -14.31 -0.45
N ILE A 106 1.88 -15.26 -0.72
CA ILE A 106 3.31 -14.98 -0.82
C ILE A 106 3.68 -15.00 -2.29
N LEU A 107 4.55 -14.08 -2.69
CA LEU A 107 4.99 -13.90 -4.06
CA LEU A 107 5.00 -13.94 -4.06
C LEU A 107 6.51 -14.04 -4.08
N TYR A 108 7.03 -14.90 -4.94
CA TYR A 108 8.46 -15.16 -4.92
C TYR A 108 8.97 -15.24 -6.35
N SER A 109 10.15 -14.68 -6.58
CA SER A 109 10.71 -14.61 -7.92
C SER A 109 11.77 -15.69 -8.14
N SER A 110 12.14 -15.86 -9.40
CA SER A 110 13.15 -16.86 -9.76
C SER A 110 14.53 -16.49 -9.24
N ASP A 111 14.76 -15.20 -8.91
CA ASP A 111 15.98 -14.78 -8.24
C ASP A 111 15.76 -14.51 -6.76
N TRP A 112 14.65 -15.01 -6.21
CA TRP A 112 14.46 -15.18 -4.77
C TRP A 112 14.17 -13.87 -4.03
N LEU A 113 13.59 -12.89 -4.72
CA LEU A 113 12.88 -11.83 -4.03
C LEU A 113 11.58 -12.39 -3.50
N ILE A 114 11.15 -11.96 -2.31
CA ILE A 114 9.93 -12.46 -1.70
CA ILE A 114 9.94 -12.46 -1.68
C ILE A 114 9.11 -11.28 -1.19
N TYR A 115 7.84 -11.25 -1.60
CA TYR A 115 6.87 -10.23 -1.21
C TYR A 115 5.64 -10.91 -0.65
N LYS A 116 4.78 -10.13 0.02
CA LYS A 116 3.53 -10.63 0.55
C LYS A 116 2.39 -9.67 0.22
N THR A 117 1.18 -10.22 0.16
CA THR A 117 -0.04 -9.43 0.15
C THR A 117 -1.00 -10.05 1.14
N THR A 118 -1.69 -9.18 1.89
CA THR A 118 -2.76 -9.60 2.78
C THR A 118 -4.11 -9.04 2.34
N ASP A 119 -4.17 -8.37 1.20
CA ASP A 119 -5.36 -7.67 0.74
C ASP A 119 -5.70 -8.06 -0.69
N HIS A 120 -5.48 -9.33 -1.02
CA HIS A 120 -5.91 -9.87 -2.30
C HIS A 120 -5.28 -9.10 -3.46
N TYR A 121 -3.97 -8.94 -3.39
CA TYR A 121 -3.13 -8.41 -4.45
C TYR A 121 -3.29 -6.91 -4.64
N GLN A 122 -3.96 -6.19 -3.74
CA GLN A 122 -4.05 -4.74 -3.86
CA GLN A 122 -4.04 -4.74 -3.91
CA GLN A 122 -4.05 -4.73 -3.87
C GLN A 122 -2.71 -4.08 -3.60
N THR A 123 -2.05 -4.48 -2.51
CA THR A 123 -0.75 -3.93 -2.14
C THR A 123 0.19 -5.08 -1.82
N PHE A 124 1.47 -4.84 -2.04
CA PHE A 124 2.52 -5.82 -1.79
C PHE A 124 3.61 -5.18 -0.96
N THR A 125 4.21 -5.99 -0.09
CA THR A 125 5.31 -5.55 0.75
CA THR A 125 5.35 -5.51 0.67
C THR A 125 6.46 -6.54 0.66
N LYS A 126 7.67 -6.02 0.44
CA LYS A 126 8.85 -6.87 0.37
C LYS A 126 9.16 -7.45 1.73
N ILE A 127 9.38 -8.76 1.78
CA ILE A 127 9.78 -9.40 3.03
C ILE A 127 11.14 -10.08 2.95
N ARG A 128 11.66 -10.40 1.76
CA ARG A 128 13.06 -10.81 1.58
C ARG A 128 13.60 -10.22 0.28
N VAL B 21 18.45 9.14 29.37
CA VAL B 21 18.31 10.17 28.35
C VAL B 21 17.25 11.19 28.71
N ILE B 22 17.28 12.30 28.00
CA ILE B 22 16.27 13.35 28.13
C ILE B 22 15.36 13.20 26.91
N ASN B 23 14.16 12.64 27.11
CA ASN B 23 13.30 12.29 25.98
C ASN B 23 11.82 12.47 26.27
N THR B 24 11.44 13.13 27.36
CA THR B 24 10.04 13.40 27.66
C THR B 24 9.69 14.81 27.20
N PHE B 25 8.38 15.09 27.11
CA PHE B 25 7.95 16.42 26.68
C PHE B 25 8.54 17.49 27.59
N ASP B 26 8.39 17.33 28.90
CA ASP B 26 8.88 18.36 29.81
C ASP B 26 10.40 18.33 29.93
N GLY B 27 11.02 17.15 29.83
CA GLY B 27 12.46 17.07 29.86
C GLY B 27 13.10 17.83 28.71
N VAL B 28 12.60 17.57 27.50
CA VAL B 28 13.18 18.22 26.32
C VAL B 28 12.80 19.69 26.27
N ALA B 29 11.55 20.03 26.64
CA ALA B 29 11.15 21.44 26.64
C ALA B 29 12.00 22.25 27.63
N ASP B 30 12.17 21.75 28.85
CA ASP B 30 12.98 22.47 29.83
C ASP B 30 14.42 22.59 29.34
N TYR B 31 14.97 21.53 28.77
CA TYR B 31 16.34 21.58 28.28
C TYR B 31 16.49 22.57 27.13
N LEU B 32 15.55 22.56 26.19
CA LEU B 32 15.58 23.52 25.08
C LEU B 32 15.54 24.96 25.59
N GLN B 33 14.64 25.25 26.53
CA GLN B 33 14.51 26.61 27.03
CA GLN B 33 14.53 26.63 26.99
C GLN B 33 15.76 27.07 27.77
N THR B 34 16.46 26.12 28.40
CA THR B 34 17.61 26.45 29.23
C THR B 34 18.89 26.55 28.42
N TYR B 35 19.11 25.63 27.48
CA TYR B 35 20.35 25.53 26.76
C TYR B 35 20.25 25.93 25.29
N HIS B 36 19.05 26.16 24.77
CA HIS B 36 18.86 26.59 23.38
C HIS B 36 19.44 25.60 22.38
N LYS B 37 19.35 24.30 22.71
CA LYS B 37 19.71 23.20 21.83
C LYS B 37 19.04 21.96 22.38
N LEU B 38 18.94 20.92 21.54
CA LEU B 38 18.41 19.65 22.00
C LEU B 38 19.44 18.93 22.86
N PRO B 39 18.97 18.04 23.74
CA PRO B 39 19.91 17.14 24.46
C PRO B 39 20.71 16.30 23.49
N ASP B 40 21.81 15.74 23.99
CA ASP B 40 22.82 15.02 23.22
CA ASP B 40 22.72 15.11 23.05
C ASP B 40 22.31 13.71 22.61
N ASN B 41 21.15 13.20 23.04
N ASN B 41 21.17 13.21 23.08
CA ASN B 41 20.65 11.94 22.49
CA ASN B 41 20.60 11.98 22.56
C ASN B 41 19.95 12.10 21.15
C ASN B 41 19.70 12.20 21.33
N TYR B 42 19.87 13.31 20.62
CA TYR B 42 19.15 13.58 19.37
C TYR B 42 20.10 13.65 18.17
N ILE B 43 19.65 13.09 17.06
CA ILE B 43 20.35 13.20 15.78
CA ILE B 43 20.35 13.08 15.77
C ILE B 43 19.31 13.40 14.69
N THR B 44 19.72 14.15 13.65
CA THR B 44 18.76 14.44 12.59
C THR B 44 18.56 13.22 11.70
N LYS B 45 17.53 13.29 10.85
CA LYS B 45 17.28 12.23 9.88
CA LYS B 45 17.30 12.20 9.91
C LYS B 45 18.51 11.96 9.02
N SER B 46 19.13 13.02 8.50
CA SER B 46 20.28 12.85 7.63
CA SER B 46 20.28 12.83 7.62
C SER B 46 21.47 12.25 8.38
N GLU B 47 21.69 12.69 9.62
CA GLU B 47 22.78 12.14 10.41
C GLU B 47 22.53 10.66 10.70
N ALA B 48 21.28 10.30 11.01
CA ALA B 48 20.93 8.90 11.23
C ALA B 48 21.14 8.07 9.97
N GLN B 49 20.71 8.60 8.82
CA GLN B 49 20.90 7.88 7.57
CA GLN B 49 20.90 7.89 7.56
C GLN B 49 22.38 7.62 7.30
N ALA B 50 23.25 8.59 7.63
CA ALA B 50 24.68 8.43 7.43
C ALA B 50 25.28 7.34 8.31
N LEU B 51 24.57 6.93 9.36
CA LEU B 51 25.01 5.83 10.21
C LEU B 51 24.37 4.50 9.82
N GLY B 52 23.51 4.50 8.80
CA GLY B 52 22.86 3.29 8.35
C GLY B 52 21.41 3.15 8.76
N TRP B 53 20.80 4.20 9.31
CA TRP B 53 19.38 4.14 9.63
C TRP B 53 18.57 3.93 8.35
N VAL B 54 17.70 2.93 8.38
CA VAL B 54 16.72 2.70 7.33
C VAL B 54 15.37 2.72 8.02
N ALA B 55 14.58 3.77 7.77
CA ALA B 55 13.38 3.97 8.57
C ALA B 55 12.45 2.75 8.52
N SER B 56 12.28 2.16 7.33
CA SER B 56 11.35 1.05 7.20
C SER B 56 11.81 -0.20 7.94
N LYS B 57 13.08 -0.26 8.37
CA LYS B 57 13.59 -1.35 9.18
C LYS B 57 13.45 -1.10 10.67
N GLY B 58 13.14 0.12 11.08
CA GLY B 58 13.04 0.41 12.51
C GLY B 58 14.33 0.21 13.27
N ASN B 59 15.47 0.49 12.65
CA ASN B 59 16.76 0.06 13.16
C ASN B 59 17.60 1.17 13.79
N LEU B 60 16.98 2.28 14.22
CA LEU B 60 17.79 3.40 14.72
C LEU B 60 18.70 2.98 15.86
N CYS B 61 18.17 2.19 16.81
CA CYS B 61 18.95 1.75 17.97
CA CYS B 61 19.01 1.83 17.94
C CYS B 61 20.11 0.84 17.57
N ASP B 62 19.97 0.13 16.45
CA ASP B 62 21.06 -0.75 16.02
C ASP B 62 22.26 0.06 15.55
N VAL B 63 22.01 1.20 14.92
CA VAL B 63 23.08 1.99 14.32
C VAL B 63 23.46 3.19 15.18
N ALA B 64 22.60 3.59 16.12
CA ALA B 64 22.83 4.78 16.96
C ALA B 64 22.20 4.51 18.32
N PRO B 65 22.83 3.66 19.13
CA PRO B 65 22.21 3.24 20.40
C PRO B 65 21.85 4.44 21.27
N GLY B 66 20.64 4.42 21.82
CA GLY B 66 20.20 5.46 22.72
C GLY B 66 19.77 6.76 22.06
N LYS B 67 19.80 6.84 20.72
CA LYS B 67 19.46 8.09 20.05
C LYS B 67 17.99 8.11 19.64
N SER B 68 17.49 9.33 19.42
CA SER B 68 16.18 9.59 18.86
C SER B 68 16.35 10.56 17.71
N ILE B 69 15.43 10.48 16.74
CA ILE B 69 15.41 11.45 15.65
C ILE B 69 14.97 12.81 16.20
N GLY B 70 15.73 13.85 15.89
CA GLY B 70 15.27 15.19 16.25
C GLY B 70 16.21 16.25 15.74
N GLY B 71 15.65 17.47 15.62
CA GLY B 71 16.41 18.63 15.21
C GLY B 71 16.17 19.07 13.80
N ASP B 72 15.33 18.36 13.04
CA ASP B 72 15.09 18.74 11.66
C ASP B 72 14.18 19.96 11.57
N ILE B 73 14.37 20.72 10.48
CA ILE B 73 13.46 21.81 10.16
C ILE B 73 12.04 21.27 10.07
N PHE B 74 11.09 21.97 10.68
CA PHE B 74 9.68 21.66 10.60
C PHE B 74 9.00 22.73 9.76
N SER B 75 8.45 22.33 8.61
CA SER B 75 7.93 23.30 7.66
C SER B 75 6.51 23.76 7.98
N ASN B 76 5.86 23.20 9.01
CA ASN B 76 4.59 23.76 9.48
C ASN B 76 3.59 23.85 8.34
N ARG B 77 3.40 22.72 7.65
CA ARG B 77 2.78 22.72 6.34
C ARG B 77 1.28 22.98 6.41
N GLU B 78 0.65 22.68 7.54
CA GLU B 78 -0.76 22.99 7.73
C GLU B 78 -0.97 24.35 8.38
N GLY B 79 0.10 25.08 8.70
CA GLY B 79 -0.05 26.38 9.32
C GLY B 79 -0.65 26.37 10.70
N LYS B 80 -0.57 25.25 11.42
CA LYS B 80 -1.17 25.16 12.74
CA LYS B 80 -1.17 25.16 12.75
C LYS B 80 -0.31 25.81 13.82
N LEU B 81 0.97 25.99 13.59
CA LEU B 81 1.80 26.71 14.54
C LEU B 81 1.91 28.17 14.11
N PRO B 82 2.03 29.09 15.06
CA PRO B 82 2.07 30.53 14.68
C PRO B 82 3.33 30.87 13.89
N GLY B 83 3.13 31.56 12.78
N GLY B 83 3.14 31.62 12.81
CA GLY B 83 4.20 31.94 11.90
CA GLY B 83 4.25 32.08 11.98
C GLY B 83 4.68 33.36 12.18
C GLY B 83 4.47 33.57 12.12
N LYS B 84 5.89 33.64 11.73
N LYS B 84 5.72 34.00 11.98
CA LYS B 84 6.46 34.98 11.84
CA LYS B 84 6.06 35.42 12.04
C LYS B 84 7.66 35.02 10.91
C LYS B 84 7.40 35.63 11.36
N SER B 85 7.82 36.13 10.20
N SER B 85 7.82 36.90 11.31
CA SER B 85 8.96 36.28 9.31
CA SER B 85 9.02 37.28 10.55
C SER B 85 10.25 36.12 10.10
C SER B 85 10.27 36.65 11.16
N GLY B 86 11.10 35.18 9.65
N GLY B 86 10.95 35.83 10.37
CA GLY B 86 12.32 34.90 10.35
CA GLY B 86 12.23 35.26 10.75
C GLY B 86 12.21 33.89 11.47
C GLY B 86 12.19 33.98 11.55
N ARG B 87 11.01 33.42 11.79
CA ARG B 87 10.83 32.34 12.76
C ARG B 87 10.93 31.00 12.06
N THR B 88 11.93 30.20 12.45
N THR B 88 11.87 30.18 12.48
CA THR B 88 12.10 28.83 11.98
CA THR B 88 12.02 28.84 11.94
C THR B 88 11.57 27.87 13.03
C THR B 88 11.62 27.82 12.99
N TRP B 89 10.83 26.85 12.58
CA TRP B 89 10.41 25.78 13.48
C TRP B 89 11.26 24.54 13.23
N ARG B 90 11.46 23.77 14.31
CA ARG B 90 12.11 22.47 14.24
CA ARG B 90 12.13 22.48 14.27
C ARG B 90 11.30 21.49 15.06
N GLU B 91 11.57 20.19 14.85
CA GLU B 91 10.83 19.14 15.53
C GLU B 91 11.79 18.10 16.09
N ALA B 92 11.33 17.35 17.08
CA ALA B 92 12.08 16.22 17.62
C ALA B 92 11.12 15.16 18.14
N ASP B 93 11.55 13.90 18.05
CA ASP B 93 10.73 12.79 18.55
C ASP B 93 10.75 12.75 20.07
N ILE B 94 9.62 12.41 20.67
CA ILE B 94 9.48 12.31 22.11
C ILE B 94 9.04 10.90 22.46
N ASN B 95 9.51 10.39 23.60
CA ASN B 95 9.13 9.09 24.12
C ASN B 95 9.64 7.95 23.24
N TYR B 96 10.68 8.17 22.44
CA TYR B 96 11.20 7.12 21.57
C TYR B 96 12.24 6.30 22.32
N THR B 97 12.06 4.98 22.33
N THR B 97 12.03 4.97 22.33
CA THR B 97 13.05 4.08 22.92
CA THR B 97 12.95 4.00 22.93
C THR B 97 13.81 3.34 21.82
C THR B 97 13.08 2.80 22.00
N CYS B 98 13.19 2.36 21.17
N CYS B 98 13.53 3.08 20.77
CA CYS B 98 13.77 1.68 20.02
CA CYS B 98 13.89 2.07 19.76
C CYS B 98 12.65 1.37 19.05
C CYS B 98 12.71 1.49 18.99
N GLY B 99 13.00 0.81 17.90
CA GLY B 99 11.99 0.30 17.00
C GLY B 99 11.45 1.36 16.05
N PHE B 100 10.23 1.12 15.59
CA PHE B 100 9.58 2.07 14.69
C PHE B 100 9.18 3.33 15.44
N ARG B 101 9.13 4.44 14.72
CA ARG B 101 8.85 5.71 15.37
C ARG B 101 7.38 5.81 15.76
N ASN B 102 7.13 6.62 16.79
CA ASN B 102 5.81 6.79 17.36
C ASN B 102 5.15 8.08 16.84
N SER B 103 4.07 8.50 17.49
CA SER B 103 3.28 9.65 17.06
C SER B 103 3.58 10.94 17.83
N ASP B 104 4.61 10.95 18.70
CA ASP B 104 4.86 12.04 19.64
C ASP B 104 6.00 12.93 19.17
N ARG B 105 5.77 14.24 19.15
CA ARG B 105 6.81 15.17 18.71
C ARG B 105 6.77 16.45 19.53
N ILE B 106 7.94 17.04 19.75
CA ILE B 106 8.05 18.39 20.28
C ILE B 106 8.41 19.33 19.14
N LEU B 107 7.83 20.53 19.16
CA LEU B 107 8.00 21.52 18.10
C LEU B 107 8.52 22.78 18.75
N TYR B 108 9.62 23.32 18.25
CA TYR B 108 10.25 24.45 18.92
C TYR B 108 10.72 25.46 17.89
N SER B 109 10.53 26.74 18.19
CA SER B 109 10.86 27.80 17.25
C SER B 109 12.20 28.44 17.57
N SER B 110 12.69 29.24 16.62
CA SER B 110 13.96 29.92 16.79
C SER B 110 13.88 31.02 17.86
N ASP B 111 12.68 31.47 18.20
CA ASP B 111 12.46 32.36 19.33
C ASP B 111 11.88 31.63 20.54
N TRP B 112 11.94 30.30 20.56
CA TRP B 112 11.80 29.47 21.75
C TRP B 112 10.35 29.34 22.23
N LEU B 113 9.38 29.46 21.32
CA LEU B 113 8.06 28.90 21.58
C LEU B 113 8.16 27.39 21.46
N ILE B 114 7.41 26.67 22.31
CA ILE B 114 7.48 25.21 22.34
C ILE B 114 6.08 24.65 22.38
N TYR B 115 5.79 23.73 21.45
CA TYR B 115 4.52 23.05 21.34
C TYR B 115 4.76 21.54 21.34
N LYS B 116 3.68 20.78 21.55
CA LYS B 116 3.75 19.34 21.44
C LYS B 116 2.60 18.79 20.60
N THR B 117 2.82 17.62 20.03
CA THR B 117 1.77 16.83 19.43
C THR B 117 1.92 15.38 19.89
N THR B 118 0.79 14.74 20.17
CA THR B 118 0.77 13.31 20.46
C THR B 118 -0.04 12.55 19.42
N ASP B 119 -0.49 13.20 18.36
CA ASP B 119 -1.37 12.57 17.38
C ASP B 119 -0.83 12.78 15.97
N HIS B 120 0.49 12.72 15.82
CA HIS B 120 1.12 12.76 14.51
C HIS B 120 0.72 14.02 13.74
N TYR B 121 0.87 15.17 14.41
CA TYR B 121 0.76 16.50 13.84
C TYR B 121 -0.66 16.91 13.52
N GLN B 122 -1.67 16.19 14.00
CA GLN B 122 -3.05 16.62 13.78
CA GLN B 122 -3.03 16.64 13.74
C GLN B 122 -3.40 17.82 14.63
N THR B 123 -2.98 17.81 15.90
CA THR B 123 -3.25 18.91 16.81
C THR B 123 -1.99 19.18 17.61
N PHE B 124 -1.87 20.44 18.05
CA PHE B 124 -0.71 20.89 18.82
C PHE B 124 -1.18 21.63 20.05
N THR B 125 -0.42 21.53 21.13
CA THR B 125 -0.67 22.24 22.39
CA THR B 125 -0.70 22.34 22.29
C THR B 125 0.58 23.05 22.72
N LYS B 126 0.40 24.33 23.06
CA LYS B 126 1.53 25.15 23.49
C LYS B 126 1.94 24.74 24.90
N ILE B 127 3.22 24.46 25.10
CA ILE B 127 3.71 24.07 26.41
C ILE B 127 4.75 25.01 27.00
N ARG B 128 5.43 25.84 26.19
CA ARG B 128 6.26 26.95 26.68
C ARG B 128 6.12 28.18 25.77
N MET C 1 11.16 -2.88 -2.86
CA MET C 1 10.64 -1.58 -3.27
C MET C 1 9.14 -1.54 -3.02
N LYS C 2 8.57 -0.33 -3.00
CA LYS C 2 7.17 -0.12 -2.71
C LYS C 2 6.54 0.65 -3.85
N LYS C 3 5.44 0.12 -4.38
CA LYS C 3 4.67 0.79 -5.42
C LYS C 3 3.30 1.12 -4.85
N ALA C 4 2.99 2.40 -4.80
CA ALA C 4 1.70 2.88 -4.32
C ALA C 4 0.91 3.39 -5.51
N VAL C 5 -0.33 2.93 -5.64
CA VAL C 5 -1.20 3.34 -6.73
C VAL C 5 -2.44 4.00 -6.13
N ILE C 6 -2.64 5.26 -6.45
CA ILE C 6 -3.84 5.98 -6.03
C ILE C 6 -4.88 5.83 -7.14
N ASN C 7 -5.99 5.18 -6.83
CA ASN C 7 -7.12 5.09 -7.74
CA ASN C 7 -7.14 5.08 -7.73
C ASN C 7 -7.88 6.41 -7.64
N GLY C 8 -7.33 7.42 -8.32
CA GLY C 8 -7.79 8.78 -8.12
C GLY C 8 -9.21 9.04 -8.55
N GLU C 9 -9.74 8.23 -9.47
CA GLU C 9 -11.10 8.46 -9.93
C GLU C 9 -12.11 8.33 -8.80
N GLN C 10 -11.78 7.57 -7.75
CA GLN C 10 -12.70 7.35 -6.64
C GLN C 10 -12.47 8.29 -5.46
N ILE C 11 -11.48 9.20 -5.56
CA ILE C 11 -11.24 10.17 -4.49
CA ILE C 11 -11.24 10.15 -4.48
C ILE C 11 -12.34 11.22 -4.49
N ARG C 12 -12.97 11.41 -3.33
CA ARG C 12 -14.01 12.43 -3.18
C ARG C 12 -13.67 13.46 -2.11
N SER C 13 -12.51 13.36 -1.47
CA SER C 13 -12.08 14.34 -0.47
C SER C 13 -10.59 14.15 -0.23
N ILE C 14 -10.00 15.15 0.42
CA ILE C 14 -8.61 15.04 0.86
C ILE C 14 -8.46 13.92 1.89
N SER C 15 -9.46 13.73 2.74
CA SER C 15 -9.45 12.59 3.67
CA SER C 15 -9.41 12.60 3.67
C SER C 15 -9.35 11.27 2.93
N ASP C 16 -10.13 11.11 1.85
CA ASP C 16 -10.04 9.89 1.05
C ASP C 16 -8.62 9.69 0.54
N LEU C 17 -7.99 10.77 0.10
CA LEU C 17 -6.63 10.69 -0.40
C LEU C 17 -5.66 10.20 0.69
N HIS C 18 -5.77 10.76 1.90
CA HIS C 18 -4.88 10.32 2.97
C HIS C 18 -5.16 8.88 3.39
N GLN C 19 -6.43 8.46 3.35
CA GLN C 19 -6.72 7.08 3.71
C GLN C 19 -6.19 6.10 2.67
N THR C 20 -6.24 6.48 1.40
CA THR C 20 -5.63 5.65 0.35
CA THR C 20 -5.64 5.64 0.36
C THR C 20 -4.13 5.59 0.52
N LEU C 21 -3.49 6.73 0.80
CA LEU C 21 -2.04 6.74 1.01
C LEU C 21 -1.66 5.86 2.20
N LYS C 22 -2.48 5.89 3.26
CA LYS C 22 -2.18 5.07 4.43
C LYS C 22 -2.08 3.60 4.07
N LYS C 23 -3.03 3.12 3.26
CA LYS C 23 -3.02 1.73 2.85
CA LYS C 23 -3.04 1.72 2.84
C LYS C 23 -1.92 1.44 1.82
N GLU C 24 -1.81 2.28 0.79
CA GLU C 24 -0.88 2.03 -0.30
C GLU C 24 0.59 2.14 0.11
N LEU C 25 0.90 3.00 1.08
CA LEU C 25 2.26 3.19 1.56
C LEU C 25 2.57 2.41 2.82
N ALA C 26 1.59 1.66 3.35
CA ALA C 26 1.75 0.92 4.61
C ALA C 26 2.18 1.85 5.74
N LEU C 27 1.43 2.94 5.87
CA LEU C 27 1.73 3.97 6.86
C LEU C 27 1.30 3.50 8.25
N PRO C 28 1.84 4.14 9.31
CA PRO C 28 1.52 3.70 10.67
C PRO C 28 0.05 3.85 10.99
N GLU C 29 -0.43 3.02 11.91
CA GLU C 29 -1.83 3.11 12.30
CA GLU C 29 -1.83 3.09 12.34
C GLU C 29 -2.18 4.49 12.84
N TYR C 30 -1.22 5.19 13.45
CA TYR C 30 -1.43 6.52 14.00
C TYR C 30 -1.36 7.63 12.96
N TYR C 31 -1.17 7.28 11.68
CA TYR C 31 -0.92 8.27 10.63
C TYR C 31 -1.88 9.45 10.73
N GLY C 32 -1.31 10.66 10.77
CA GLY C 32 -2.09 11.85 11.06
C GLY C 32 -2.93 12.39 9.93
N GLU C 33 -2.79 11.88 8.69
CA GLU C 33 -3.66 12.26 7.58
C GLU C 33 -3.64 13.77 7.35
N ASN C 34 -2.44 14.32 7.28
CA ASN C 34 -2.24 15.74 7.06
C ASN C 34 -0.86 15.89 6.41
N LEU C 35 -0.56 17.11 5.95
CA LEU C 35 0.66 17.31 5.17
C LEU C 35 1.93 17.11 6.01
N ASP C 36 1.89 17.49 7.28
CA ASP C 36 3.06 17.28 8.14
C ASP C 36 3.27 15.80 8.44
N ALA C 37 2.18 15.07 8.67
CA ALA C 37 2.25 13.63 8.85
C ALA C 37 2.77 12.94 7.60
N LEU C 38 2.32 13.39 6.42
CA LEU C 38 2.81 12.81 5.17
C LEU C 38 4.30 13.04 4.99
N TRP C 39 4.77 14.26 5.25
CA TRP C 39 6.20 14.53 5.16
C TRP C 39 6.99 13.63 6.10
N ASP C 40 6.51 13.50 7.35
CA ASP C 40 7.20 12.65 8.30
C ASP C 40 7.23 11.21 7.83
N ALA C 41 6.13 10.72 7.26
CA ALA C 41 6.08 9.35 6.77
C ALA C 41 7.04 9.14 5.60
N LEU C 42 7.12 10.10 4.67
CA LEU C 42 8.00 9.92 3.53
C LEU C 42 9.46 9.96 3.94
N THR C 43 9.80 10.75 4.96
CA THR C 43 11.19 10.96 5.31
C THR C 43 11.63 10.14 6.51
N GLY C 44 10.72 9.41 7.16
CA GLY C 44 11.07 8.69 8.35
C GLY C 44 10.16 7.51 8.66
N TRP C 45 9.68 6.83 7.62
CA TRP C 45 8.83 5.65 7.81
C TRP C 45 8.79 4.74 6.58
N VAL C 46 8.44 5.32 5.42
CA VAL C 46 8.18 4.51 4.24
CA VAL C 46 8.19 4.52 4.23
C VAL C 46 9.46 3.86 3.72
N GLU C 47 9.29 2.74 3.05
CA GLU C 47 10.36 2.00 2.39
C GLU C 47 10.69 2.62 1.04
N TYR C 48 11.98 2.55 0.68
CA TYR C 48 12.51 2.97 -0.61
C TYR C 48 13.20 1.81 -1.31
N PRO C 49 13.29 1.83 -2.66
CA PRO C 49 12.72 2.81 -3.60
C PRO C 49 11.20 2.82 -3.59
N LEU C 50 10.63 3.99 -3.86
CA LEU C 50 9.19 4.20 -3.85
CA LEU C 50 9.20 4.22 -3.83
C LEU C 50 8.75 4.70 -5.21
N VAL C 51 7.67 4.12 -5.72
CA VAL C 51 7.03 4.59 -6.93
C VAL C 51 5.60 4.96 -6.55
N LEU C 52 5.22 6.20 -6.82
CA LEU C 52 3.86 6.67 -6.58
C LEU C 52 3.21 6.88 -7.95
N GLU C 53 2.19 6.09 -8.24
CA GLU C 53 1.36 6.32 -9.42
C GLU C 53 0.03 6.90 -8.96
N TRP C 54 -0.25 8.11 -9.38
CA TRP C 54 -1.52 8.75 -9.06
C TRP C 54 -2.32 8.75 -10.36
N ARG C 55 -3.30 7.86 -10.44
CA ARG C 55 -4.17 7.80 -11.60
CA ARG C 55 -4.17 7.82 -11.61
C ARG C 55 -5.29 8.82 -11.44
N GLN C 56 -5.60 9.54 -12.52
CA GLN C 56 -6.71 10.49 -12.53
CA GLN C 56 -6.71 10.49 -12.53
C GLN C 56 -6.59 11.51 -11.39
N PHE C 57 -5.42 12.14 -11.28
CA PHE C 57 -5.25 13.28 -10.37
C PHE C 57 -6.32 14.32 -10.64
N GLU C 58 -6.78 14.42 -11.90
CA GLU C 58 -7.79 15.38 -12.31
C GLU C 58 -9.07 15.28 -11.48
N GLN C 59 -9.45 14.07 -11.05
CA GLN C 59 -10.64 13.92 -10.23
CA GLN C 59 -10.64 13.93 -10.24
C GLN C 59 -10.52 14.69 -8.92
N CYS C 60 -9.38 14.54 -8.25
CA CYS C 60 -9.13 15.32 -7.04
C CYS C 60 -9.13 16.80 -7.36
N LYS C 61 -8.44 17.18 -8.44
CA LYS C 61 -8.30 18.59 -8.77
C LYS C 61 -9.65 19.26 -8.97
N GLN C 62 -10.60 18.56 -9.56
CA GLN C 62 -11.90 19.15 -9.85
CA GLN C 62 -11.90 19.16 -9.84
C GLN C 62 -12.83 19.20 -8.64
N LEU C 63 -12.44 18.61 -7.50
CA LEU C 63 -13.26 18.72 -6.31
C LEU C 63 -13.26 20.16 -5.80
N THR C 64 -14.35 20.53 -5.13
CA THR C 64 -14.41 21.84 -4.47
C THR C 64 -13.31 21.99 -3.43
N GLU C 65 -13.10 20.96 -2.62
CA GLU C 65 -12.09 21.01 -1.57
C GLU C 65 -10.70 21.12 -2.18
N ASN C 66 -9.90 22.03 -1.65
N ASN C 66 -9.88 22.02 -1.66
CA ASN C 66 -8.53 22.22 -2.10
CA ASN C 66 -8.54 22.21 -2.18
C ASN C 66 -7.58 21.27 -1.36
C ASN C 66 -7.49 21.52 -1.31
N GLY C 67 -6.40 21.10 -1.94
CA GLY C 67 -5.34 20.35 -1.28
C GLY C 67 -4.64 19.29 -2.10
N CYS C 68 -5.12 19.01 -3.32
CA CYS C 68 -4.53 17.93 -4.11
C CYS C 68 -3.10 18.23 -4.50
N GLU C 69 -2.87 19.43 -5.04
CA GLU C 69 -1.52 19.81 -5.42
C GLU C 69 -0.58 19.81 -4.22
N SER C 70 -1.06 20.23 -3.05
CA SER C 70 -0.21 20.26 -1.87
CA SER C 70 -0.21 20.26 -1.87
C SER C 70 0.29 18.86 -1.51
N VAL C 71 -0.55 17.84 -1.67
CA VAL C 71 -0.12 16.48 -1.41
C VAL C 71 0.94 16.05 -2.42
N LEU C 72 0.69 16.30 -3.71
CA LEU C 72 1.71 16.00 -4.73
C LEU C 72 3.01 16.72 -4.42
N GLN C 73 2.91 17.97 -3.98
CA GLN C 73 4.10 18.77 -3.72
CA GLN C 73 4.10 18.79 -3.71
C GLN C 73 4.96 18.17 -2.61
N VAL C 74 4.34 17.55 -1.60
CA VAL C 74 5.12 16.90 -0.55
C VAL C 74 5.98 15.79 -1.13
N PHE C 75 5.42 14.99 -2.03
CA PHE C 75 6.20 13.96 -2.70
C PHE C 75 7.33 14.58 -3.52
N ARG C 76 7.03 15.65 -4.27
CA ARG C 76 8.07 16.26 -5.11
C ARG C 76 9.17 16.86 -4.25
N GLU C 77 8.81 17.44 -3.10
CA GLU C 77 9.81 18.02 -2.22
CA GLU C 77 9.82 18.02 -2.23
C GLU C 77 10.68 16.94 -1.60
N ALA C 78 10.07 15.83 -1.15
CA ALA C 78 10.87 14.74 -0.60
C ALA C 78 11.85 14.22 -1.65
N LYS C 79 11.39 14.08 -2.89
CA LYS C 79 12.26 13.66 -3.99
C LYS C 79 13.39 14.67 -4.21
N ALA C 80 13.07 15.96 -4.21
CA ALA C 80 14.09 16.98 -4.44
C ALA C 80 15.15 16.98 -3.36
N GLU C 81 14.79 16.60 -2.13
CA GLU C 81 15.73 16.55 -1.02
CA GLU C 81 15.74 16.56 -1.03
C GLU C 81 16.48 15.23 -0.93
N GLY C 82 16.27 14.32 -1.88
CA GLY C 82 17.08 13.12 -1.97
C GLY C 82 16.33 11.81 -1.85
N ALA C 83 15.03 11.79 -1.57
CA ALA C 83 14.33 10.51 -1.44
C ALA C 83 14.19 9.85 -2.80
N ASP C 84 14.34 8.53 -2.82
CA ASP C 84 14.28 7.76 -4.06
C ASP C 84 12.82 7.51 -4.42
N ILE C 85 12.21 8.54 -5.02
CA ILE C 85 10.79 8.55 -5.37
C ILE C 85 10.66 8.78 -6.87
N THR C 86 9.83 7.96 -7.52
CA THR C 86 9.38 8.18 -8.90
C THR C 86 7.90 8.44 -8.86
N ILE C 87 7.45 9.49 -9.55
CA ILE C 87 6.06 9.91 -9.55
C ILE C 87 5.50 9.72 -10.96
N ILE C 88 4.38 9.00 -11.06
CA ILE C 88 3.71 8.77 -12.33
C ILE C 88 2.33 9.42 -12.25
N LEU C 89 2.06 10.37 -13.13
CA LEU C 89 0.74 10.96 -13.28
C LEU C 89 0.08 10.33 -14.49
N SER C 90 -0.88 9.43 -14.24
CA SER C 90 -1.50 8.65 -15.31
C SER C 90 -3.00 8.85 -15.38
N LYS D 3 -24.67 -17.23 -14.34
CA LYS D 3 -24.87 -16.27 -15.42
C LYS D 3 -24.70 -14.86 -14.90
N ALA D 4 -23.81 -14.09 -15.53
CA ALA D 4 -23.46 -12.75 -15.08
C ALA D 4 -23.62 -11.78 -16.23
N VAL D 5 -24.26 -10.64 -15.98
CA VAL D 5 -24.48 -9.63 -16.99
C VAL D 5 -23.84 -8.32 -16.54
N ILE D 6 -23.07 -7.71 -17.44
CA ILE D 6 -22.57 -6.35 -17.27
C ILE D 6 -23.33 -5.47 -18.23
N ASN D 7 -24.10 -4.53 -17.70
CA ASN D 7 -24.80 -3.55 -18.53
CA ASN D 7 -24.81 -3.55 -18.52
C ASN D 7 -23.86 -2.37 -18.71
N GLY D 8 -23.10 -2.40 -19.81
CA GLY D 8 -22.08 -1.39 -20.03
C GLY D 8 -22.60 0.03 -20.02
N GLU D 9 -23.87 0.22 -20.40
CA GLU D 9 -24.48 1.54 -20.38
CA GLU D 9 -24.45 1.55 -20.38
C GLU D 9 -24.54 2.13 -18.97
N GLN D 10 -24.47 1.30 -17.95
CA GLN D 10 -24.57 1.73 -16.56
CA GLN D 10 -24.57 1.73 -16.56
C GLN D 10 -23.22 1.80 -15.85
N ILE D 11 -22.15 1.36 -16.49
CA ILE D 11 -20.83 1.35 -15.86
C ILE D 11 -20.21 2.73 -15.97
N ARG D 12 -19.90 3.34 -14.83
CA ARG D 12 -19.41 4.72 -14.77
CA ARG D 12 -19.41 4.72 -14.77
C ARG D 12 -17.91 4.84 -14.56
N SER D 13 -17.24 3.75 -14.20
CA SER D 13 -15.81 3.79 -13.91
C SER D 13 -15.31 2.36 -13.87
N ILE D 14 -13.98 2.21 -13.86
CA ILE D 14 -13.38 0.90 -13.69
C ILE D 14 -13.72 0.32 -12.32
N SER D 15 -13.78 1.16 -11.29
CA SER D 15 -14.16 0.67 -9.97
CA SER D 15 -14.16 0.68 -9.97
C SER D 15 -15.60 0.15 -9.97
N ASP D 16 -16.49 0.85 -10.66
CA ASP D 16 -17.86 0.37 -10.85
C ASP D 16 -17.85 -0.99 -11.55
N LEU D 17 -17.00 -1.14 -12.57
CA LEU D 17 -16.89 -2.42 -13.26
C LEU D 17 -16.51 -3.54 -12.29
N HIS D 18 -15.50 -3.31 -11.44
CA HIS D 18 -15.08 -4.36 -10.52
C HIS D 18 -16.15 -4.65 -9.47
N GLN D 19 -16.84 -3.61 -8.99
CA GLN D 19 -17.89 -3.84 -8.00
CA GLN D 19 -17.90 -3.85 -8.00
C GLN D 19 -19.05 -4.63 -8.62
N THR D 20 -19.36 -4.37 -9.89
CA THR D 20 -20.40 -5.11 -10.56
C THR D 20 -20.00 -6.57 -10.77
N LEU D 21 -18.76 -6.79 -11.19
CA LEU D 21 -18.26 -8.17 -11.29
C LEU D 21 -18.34 -8.86 -9.94
N LYS D 22 -17.98 -8.16 -8.87
CA LYS D 22 -18.00 -8.76 -7.54
CA LYS D 22 -18.00 -8.77 -7.54
C LYS D 22 -19.39 -9.27 -7.21
N LYS D 23 -20.42 -8.47 -7.49
CA LYS D 23 -21.78 -8.87 -7.17
C LYS D 23 -22.29 -9.94 -8.13
N GLU D 24 -22.06 -9.76 -9.43
CA GLU D 24 -22.61 -10.66 -10.45
CA GLU D 24 -22.65 -10.67 -10.40
C GLU D 24 -21.96 -12.03 -10.41
N LEU D 25 -20.70 -12.11 -9.99
CA LEU D 25 -19.97 -13.37 -9.93
C LEU D 25 -19.85 -13.93 -8.53
N ALA D 26 -20.46 -13.28 -7.54
CA ALA D 26 -20.36 -13.71 -6.14
C ALA D 26 -18.90 -13.88 -5.72
N LEU D 27 -18.09 -12.85 -6.01
CA LEU D 27 -16.69 -12.89 -5.65
C LEU D 27 -16.52 -12.70 -4.16
N PRO D 28 -15.36 -13.04 -3.60
CA PRO D 28 -15.18 -12.95 -2.14
C PRO D 28 -15.32 -11.52 -1.64
N GLU D 29 -15.74 -11.38 -0.37
CA GLU D 29 -15.87 -10.05 0.22
CA GLU D 29 -15.87 -10.05 0.22
CA GLU D 29 -15.86 -10.06 0.24
C GLU D 29 -14.55 -9.28 0.14
N TYR D 30 -13.43 -9.97 0.26
CA TYR D 30 -12.10 -9.35 0.22
C TYR D 30 -11.62 -9.04 -1.20
N TYR D 31 -12.42 -9.30 -2.23
CA TYR D 31 -12.00 -9.17 -3.62
C TYR D 31 -11.22 -7.88 -3.86
N GLY D 32 -10.02 -8.03 -4.42
CA GLY D 32 -9.11 -6.90 -4.52
C GLY D 32 -9.40 -5.88 -5.60
N GLU D 33 -10.35 -6.13 -6.50
CA GLU D 33 -10.75 -5.15 -7.52
CA GLU D 33 -10.75 -5.15 -7.52
C GLU D 33 -9.55 -4.69 -8.35
N ASN D 34 -8.77 -5.65 -8.81
CA ASN D 34 -7.61 -5.40 -9.64
C ASN D 34 -7.42 -6.62 -10.52
N LEU D 35 -6.52 -6.52 -11.50
CA LEU D 35 -6.41 -7.60 -12.48
C LEU D 35 -5.87 -8.89 -11.87
N ASP D 36 -4.97 -8.80 -10.90
CA ASP D 36 -4.44 -10.00 -10.26
C ASP D 36 -5.51 -10.68 -9.39
N ALA D 37 -6.29 -9.87 -8.66
CA ALA D 37 -7.41 -10.40 -7.90
C ALA D 37 -8.45 -11.05 -8.81
N LEU D 38 -8.71 -10.43 -9.97
CA LEU D 38 -9.68 -11.00 -10.90
C LEU D 38 -9.20 -12.35 -11.43
N TRP D 39 -7.94 -12.43 -11.84
CA TRP D 39 -7.38 -13.72 -12.28
C TRP D 39 -7.55 -14.79 -11.21
N ASP D 40 -7.21 -14.45 -9.96
CA ASP D 40 -7.31 -15.41 -8.87
C ASP D 40 -8.75 -15.86 -8.67
N ALA D 41 -9.70 -14.92 -8.72
CA ALA D 41 -11.11 -15.28 -8.53
C ALA D 41 -11.64 -16.14 -9.67
N LEU D 42 -11.19 -15.88 -10.91
CA LEU D 42 -11.71 -16.62 -12.05
C LEU D 42 -11.12 -18.01 -12.17
N THR D 43 -9.98 -18.26 -11.50
CA THR D 43 -9.31 -19.54 -11.59
C THR D 43 -9.33 -20.32 -10.28
N GLY D 44 -9.78 -19.70 -9.18
CA GLY D 44 -9.73 -20.35 -7.89
C GLY D 44 -10.75 -19.85 -6.89
N TRP D 45 -11.94 -19.52 -7.37
CA TRP D 45 -13.04 -19.10 -6.49
C TRP D 45 -14.40 -19.33 -7.16
N VAL D 46 -14.58 -18.78 -8.37
CA VAL D 46 -15.90 -18.75 -8.98
C VAL D 46 -16.42 -20.14 -9.30
N GLU D 47 -17.75 -20.24 -9.34
CA GLU D 47 -18.42 -21.46 -9.77
C GLU D 47 -18.43 -21.56 -11.30
N TYR D 48 -18.31 -22.78 -11.80
CA TYR D 48 -18.40 -23.11 -13.21
C TYR D 48 -19.60 -24.01 -13.46
N PRO D 49 -20.18 -24.00 -14.68
CA PRO D 49 -19.81 -23.15 -15.82
C PRO D 49 -20.15 -21.70 -15.56
N LEU D 50 -19.27 -20.81 -16.01
CA LEU D 50 -19.45 -19.36 -15.87
CA LEU D 50 -19.47 -19.37 -15.88
C LEU D 50 -19.75 -18.78 -17.25
N VAL D 51 -20.80 -17.96 -17.33
CA VAL D 51 -21.14 -17.24 -18.56
C VAL D 51 -21.18 -15.77 -18.22
N LEU D 52 -20.34 -14.99 -18.89
CA LEU D 52 -20.30 -13.55 -18.72
C LEU D 52 -20.83 -12.90 -19.99
N GLU D 53 -21.92 -12.15 -19.87
CA GLU D 53 -22.42 -11.34 -20.98
C GLU D 53 -22.08 -9.89 -20.69
N TRP D 54 -21.16 -9.34 -21.46
CA TRP D 54 -20.77 -7.93 -21.34
C TRP D 54 -21.47 -7.18 -22.46
N ARG D 55 -22.52 -6.45 -22.10
CA ARG D 55 -23.27 -5.65 -23.04
C ARG D 55 -22.64 -4.28 -23.15
N GLN D 56 -22.55 -3.78 -24.38
CA GLN D 56 -22.04 -2.43 -24.65
CA GLN D 56 -22.04 -2.43 -24.66
C GLN D 56 -20.66 -2.20 -24.04
N PHE D 57 -19.76 -3.17 -24.29
CA PHE D 57 -18.34 -3.00 -23.97
C PHE D 57 -17.82 -1.70 -24.56
N GLU D 58 -18.38 -1.28 -25.68
CA GLU D 58 -17.96 -0.05 -26.35
C GLU D 58 -18.09 1.16 -25.45
N GLN D 59 -19.07 1.16 -24.54
CA GLN D 59 -19.21 2.31 -23.64
CA GLN D 59 -19.23 2.30 -23.63
C GLN D 59 -18.11 2.35 -22.59
N CYS D 60 -17.61 1.18 -22.16
CA CYS D 60 -16.45 1.18 -21.26
C CYS D 60 -15.27 1.85 -21.94
N LYS D 61 -15.05 1.56 -23.22
CA LYS D 61 -13.93 2.16 -23.94
C LYS D 61 -14.01 3.67 -23.95
N GLN D 62 -15.21 4.24 -23.82
CA GLN D 62 -15.38 5.68 -23.80
CA GLN D 62 -15.37 5.69 -23.80
C GLN D 62 -15.01 6.31 -22.46
N LEU D 63 -14.85 5.50 -21.42
CA LEU D 63 -14.45 6.04 -20.12
C LEU D 63 -13.05 6.60 -20.18
N THR D 64 -12.80 7.64 -19.37
CA THR D 64 -11.48 8.25 -19.32
C THR D 64 -10.42 7.25 -18.85
N GLU D 65 -10.74 6.47 -17.81
CA GLU D 65 -9.79 5.47 -17.33
C GLU D 65 -9.60 4.37 -18.35
N ASN D 66 -8.35 3.96 -18.54
CA ASN D 66 -8.06 2.74 -19.27
C ASN D 66 -8.38 1.52 -18.40
N GLY D 67 -8.51 0.38 -19.07
CA GLY D 67 -8.62 -0.87 -18.35
C GLY D 67 -9.68 -1.85 -18.86
N CYS D 68 -10.52 -1.42 -19.80
CA CYS D 68 -11.63 -2.27 -20.24
C CYS D 68 -11.12 -3.53 -20.93
N GLU D 69 -10.27 -3.35 -21.94
CA GLU D 69 -9.73 -4.49 -22.66
C GLU D 69 -8.94 -5.38 -21.71
N SER D 70 -8.23 -4.79 -20.75
CA SER D 70 -7.44 -5.59 -19.82
CA SER D 70 -7.44 -5.59 -19.82
C SER D 70 -8.33 -6.51 -18.98
N VAL D 71 -9.51 -6.03 -18.58
CA VAL D 71 -10.44 -6.88 -17.84
C VAL D 71 -10.95 -8.01 -18.72
N LEU D 72 -11.39 -7.69 -19.94
CA LEU D 72 -11.80 -8.73 -20.86
C LEU D 72 -10.68 -9.74 -21.08
N GLN D 73 -9.45 -9.25 -21.22
CA GLN D 73 -8.30 -10.12 -21.47
C GLN D 73 -8.11 -11.14 -20.34
N VAL D 74 -8.32 -10.72 -19.09
CA VAL D 74 -8.18 -11.66 -17.98
C VAL D 74 -9.21 -12.78 -18.08
N PHE D 75 -10.46 -12.45 -18.42
CA PHE D 75 -11.47 -13.49 -18.64
C PHE D 75 -11.01 -14.46 -19.74
N ARG D 76 -10.47 -13.92 -20.84
CA ARG D 76 -10.07 -14.78 -21.95
C ARG D 76 -8.87 -15.63 -21.57
N GLU D 77 -7.95 -15.08 -20.78
CA GLU D 77 -6.79 -15.86 -20.35
CA GLU D 77 -6.79 -15.85 -20.34
C GLU D 77 -7.19 -16.94 -19.36
N ALA D 78 -8.16 -16.65 -18.49
CA ALA D 78 -8.64 -17.67 -17.55
C ALA D 78 -9.30 -18.82 -18.30
N LYS D 79 -10.10 -18.49 -19.32
CA LYS D 79 -10.65 -19.53 -20.18
C LYS D 79 -9.55 -20.35 -20.85
N ALA D 80 -8.52 -19.68 -21.38
CA ALA D 80 -7.43 -20.41 -22.02
C ALA D 80 -6.68 -21.31 -21.03
N GLU D 81 -6.65 -20.91 -19.75
CA GLU D 81 -5.99 -21.69 -18.71
C GLU D 81 -6.75 -22.96 -18.38
N GLY D 82 -8.02 -23.05 -18.79
CA GLY D 82 -8.86 -24.20 -18.52
C GLY D 82 -10.11 -23.90 -17.75
N ALA D 83 -10.34 -22.65 -17.34
CA ALA D 83 -11.57 -22.33 -16.63
C ALA D 83 -12.76 -22.39 -17.59
N ASP D 84 -13.86 -22.99 -17.13
CA ASP D 84 -15.05 -23.14 -17.95
C ASP D 84 -15.81 -21.81 -17.96
N ILE D 85 -15.36 -20.93 -18.86
CA ILE D 85 -15.89 -19.57 -19.00
C ILE D 85 -16.34 -19.37 -20.44
N THR D 86 -17.52 -18.77 -20.61
CA THR D 86 -18.05 -18.39 -21.91
C THR D 86 -18.27 -16.89 -21.87
N ILE D 87 -17.86 -16.19 -22.92
CA ILE D 87 -17.92 -14.74 -22.96
C ILE D 87 -18.81 -14.31 -24.12
N ILE D 88 -19.79 -13.46 -23.82
CA ILE D 88 -20.71 -12.93 -24.82
C ILE D 88 -20.51 -11.43 -24.88
N LEU D 89 -20.12 -10.93 -26.05
CA LEU D 89 -20.01 -9.50 -26.31
C LEU D 89 -21.22 -9.08 -27.12
N SER D 90 -22.16 -8.37 -26.50
CA SER D 90 -23.39 -7.97 -27.15
C SER D 90 -23.59 -6.46 -27.13
P PO4 E . 13.72 -5.19 -4.63
O1 PO4 E . 13.94 -5.25 -6.13
O2 PO4 E . 13.27 -3.80 -4.24
O3 PO4 E . 12.72 -6.22 -4.22
O4 PO4 E . 15.03 -5.46 -3.92
C1 EDO F . 1.34 -15.58 9.61
O1 EDO F . 1.43 -16.00 8.25
C2 EDO F . 1.02 -14.09 9.65
O2 EDO F . -0.24 -13.85 8.99
C1 EDO G . 0.49 -5.97 1.83
O1 EDO G . -0.84 -6.42 1.52
C2 EDO G . 1.03 -6.71 3.05
O2 EDO G . 0.19 -6.52 4.18
C1 EDO H . 4.71 12.22 28.56
O1 EDO H . 4.30 11.55 27.36
C2 EDO H . 6.21 12.02 28.77
O2 EDO H . 6.92 12.56 27.66
C1 EDO I . -0.94 17.63 22.18
O1 EDO I . -1.13 16.52 23.06
C2 EDO I . -1.85 17.57 20.96
O2 EDO I . -1.57 16.43 20.11
P PO4 J . -6.00 21.89 -5.45
O1 PO4 J . -6.67 22.78 -6.47
O2 PO4 J . -4.70 21.38 -6.02
O3 PO4 J . -6.87 20.71 -5.14
O4 PO4 J . -5.74 22.68 -4.19
P PO4 K . -20.04 8.97 -9.27
O1 PO4 K . -19.56 9.46 -10.62
O2 PO4 K . -20.57 10.14 -8.49
O3 PO4 K . -21.11 7.92 -9.43
O4 PO4 K . -18.88 8.36 -8.52
P PO4 L . -9.22 0.51 -22.64
O1 PO4 L . -9.19 1.48 -23.80
O2 PO4 L . -10.34 0.85 -21.71
O3 PO4 L . -9.45 -0.87 -23.18
O4 PO4 L . -7.91 0.55 -21.89
#